data_7C83
#
_entry.id   7C83
#
_cell.length_a   52.192
_cell.length_b   104.266
_cell.length_c   123.046
_cell.angle_alpha   90.000
_cell.angle_beta   90.000
_cell.angle_gamma   90.000
#
_symmetry.space_group_name_H-M   'C 2 2 21'
#
loop_
_entity.id
_entity.type
_entity.pdbx_description
1 polymer '3-oxo-5-alpha-steroid 4-dehydrogenase'
2 non-polymer 'NADPH DIHYDRO-NICOTINAMIDE-ADENINE-DINUCLEOTIDE PHOSPHATE'
3 non-polymer '(2R)-2,3-dihydroxypropyl (9Z)-octadec-9-enoate'
4 water water
#
_entity_poly.entity_id   1
_entity_poly.type   'polypeptide(L)'
_entity_poly.pdbx_seq_one_letter_code
;AGSGHMDPDFLYRWALIGLAAFGAFSFATLFFVPAPYGRHQRGGWGPTVPTRLAWIAQELPAPLVFALVFARGEHADRLV
PLLLLGLWQLHYLQRTFVFPLLMRVGAKRTPLVTALLAFVFNCVNGAANAYAITHGALRHTEAWLADPRFAIGALLFLGG
WALNLHSDAILRRLRAPGETRYEIPRGGAYRLVSCPNYLGEIVEWCGWALATWTYAGAVFAFFTFANLFPRALAHHRWYR
ERFPDYPRERKAVIPFVV
;
_entity_poly.pdbx_strand_id   A
#
# COMPACT_ATOMS: atom_id res chain seq x y z
N PRO A 8 7.68 25.44 1.99
CA PRO A 8 8.45 24.51 1.17
C PRO A 8 8.97 23.33 1.99
N ASP A 9 10.23 23.40 2.39
CA ASP A 9 10.83 22.32 3.18
C ASP A 9 10.27 22.24 4.59
N PHE A 10 9.75 23.33 5.14
CA PHE A 10 9.12 23.25 6.46
C PHE A 10 7.98 22.25 6.44
N LEU A 11 7.05 22.40 5.49
CA LEU A 11 5.91 21.49 5.40
C LEU A 11 6.37 20.06 5.16
N TYR A 12 7.41 19.89 4.32
CA TYR A 12 7.91 18.57 4.01
C TYR A 12 8.39 17.87 5.27
N ARG A 13 9.23 18.54 6.06
CA ARG A 13 9.74 17.89 7.27
C ARG A 13 8.62 17.60 8.26
N TRP A 14 7.63 18.49 8.36
CA TRP A 14 6.53 18.26 9.29
C TRP A 14 5.62 17.15 8.80
N ALA A 15 5.37 17.10 7.49
CA ALA A 15 4.63 15.98 6.93
C ALA A 15 5.33 14.65 7.22
N LEU A 16 6.64 14.61 7.06
CA LEU A 16 7.38 13.38 7.33
C LEU A 16 7.31 13.01 8.80
N ILE A 17 7.49 13.99 9.68
CA ILE A 17 7.41 13.72 11.12
C ILE A 17 6.03 13.16 11.46
N GLY A 18 4.98 13.76 10.92
CA GLY A 18 3.64 13.32 11.26
C GLY A 18 3.34 11.93 10.72
N LEU A 19 3.79 11.66 9.49
CA LEU A 19 3.59 10.34 8.90
C LEU A 19 4.35 9.28 9.68
N ALA A 20 5.60 9.56 10.03
CA ALA A 20 6.39 8.65 10.85
C ALA A 20 5.71 8.41 12.21
N ALA A 21 5.34 9.49 12.89
CA ALA A 21 4.63 9.36 14.16
C ALA A 21 3.39 8.50 14.02
N PHE A 22 2.54 8.81 13.02
CA PHE A 22 1.31 8.06 12.77
C PHE A 22 1.59 6.60 12.49
N GLY A 23 2.63 6.32 11.69
CA GLY A 23 3.00 4.94 11.44
C GLY A 23 3.42 4.20 12.71
N ALA A 24 4.21 4.85 13.56
CA ALA A 24 4.65 4.20 14.79
C ALA A 24 3.47 3.92 15.71
N PHE A 25 2.58 4.89 15.86
CA PHE A 25 1.44 4.68 16.74
C PHE A 25 0.46 3.68 16.14
N SER A 26 0.34 3.65 14.80
CA SER A 26 -0.55 2.67 14.16
C SER A 26 -0.04 1.26 14.37
N PHE A 27 1.27 1.05 14.19
CA PHE A 27 1.87 -0.26 14.44
C PHE A 27 1.45 -0.82 15.79
N ALA A 28 1.63 -0.02 16.84
CA ALA A 28 1.32 -0.48 18.19
C ALA A 28 -0.14 -0.85 18.35
N THR A 29 -1.05 0.03 17.89
CA THR A 29 -2.47 -0.20 18.14
C THR A 29 -3.00 -1.36 17.28
N LEU A 30 -2.51 -1.47 16.05
CA LEU A 30 -3.04 -2.47 15.11
C LEU A 30 -2.66 -3.88 15.50
N PHE A 31 -1.65 -4.05 16.36
CA PHE A 31 -1.39 -5.37 16.94
C PHE A 31 -2.56 -5.87 17.79
N PHE A 32 -3.43 -4.97 18.24
CA PHE A 32 -4.52 -5.34 19.14
C PHE A 32 -5.89 -5.15 18.52
N VAL A 33 -6.07 -4.07 17.76
CA VAL A 33 -7.35 -3.75 17.13
C VAL A 33 -7.13 -3.51 15.63
N PRO A 34 -7.51 -4.45 14.78
CA PRO A 34 -7.31 -4.26 13.34
C PRO A 34 -8.15 -3.11 12.81
N ALA A 35 -7.64 -2.47 11.76
CA ALA A 35 -8.41 -1.43 11.08
C ALA A 35 -9.76 -2.02 10.69
N PRO A 36 -10.87 -1.31 10.93
CA PRO A 36 -12.22 -1.89 10.88
C PRO A 36 -12.86 -1.91 9.49
N TYR A 37 -12.14 -2.40 8.50
CA TYR A 37 -12.71 -2.59 7.17
C TYR A 37 -12.54 -4.06 6.77
N GLY A 38 -13.18 -4.45 5.67
CA GLY A 38 -13.06 -5.82 5.24
C GLY A 38 -13.59 -6.78 6.29
N ARG A 39 -12.88 -7.90 6.48
CA ARG A 39 -13.35 -8.92 7.41
C ARG A 39 -13.35 -8.44 8.86
N HIS A 40 -12.64 -7.35 9.16
CA HIS A 40 -12.55 -6.85 10.53
C HIS A 40 -13.51 -5.70 10.79
N GLN A 41 -14.46 -5.48 9.89
CA GLN A 41 -15.43 -4.41 10.07
C GLN A 41 -16.47 -4.85 11.10
N ARG A 42 -16.53 -4.12 12.20
CA ARG A 42 -17.52 -4.31 13.23
C ARG A 42 -18.51 -3.15 13.21
N GLY A 43 -19.54 -3.27 14.01
CA GLY A 43 -20.40 -2.14 14.25
C GLY A 43 -19.73 -1.13 15.16
N GLY A 44 -20.36 0.04 15.28
CA GLY A 44 -19.88 1.05 16.19
C GLY A 44 -18.60 1.73 15.76
N TRP A 45 -18.38 1.89 14.44
CA TRP A 45 -17.26 2.65 13.93
C TRP A 45 -17.71 3.92 13.23
N GLY A 46 -18.89 4.43 13.58
CA GLY A 46 -19.41 5.64 12.99
C GLY A 46 -20.10 5.42 11.65
N PRO A 47 -20.40 6.52 10.96
CA PRO A 47 -21.16 6.40 9.71
C PRO A 47 -20.35 5.63 8.66
N THR A 48 -21.08 5.05 7.70
CA THR A 48 -20.48 4.23 6.66
C THR A 48 -20.76 4.83 5.29
N VAL A 49 -19.95 4.40 4.32
CA VAL A 49 -20.07 4.85 2.94
C VAL A 49 -19.99 3.65 2.01
N PRO A 50 -20.53 3.76 0.80
CA PRO A 50 -20.38 2.69 -0.19
C PRO A 50 -18.94 2.27 -0.32
N THR A 51 -18.70 0.95 -0.26
CA THR A 51 -17.34 0.43 -0.16
C THR A 51 -16.53 0.73 -1.42
N ARG A 52 -17.10 0.49 -2.61
CA ARG A 52 -16.29 0.68 -3.82
C ARG A 52 -15.94 2.15 -4.02
N LEU A 53 -16.92 3.04 -3.87
CA LEU A 53 -16.66 4.47 -4.01
C LEU A 53 -15.62 4.95 -3.02
N ALA A 54 -15.69 4.44 -1.78
CA ALA A 54 -14.69 4.81 -0.78
C ALA A 54 -13.29 4.47 -1.26
N TRP A 55 -13.09 3.26 -1.80
CA TRP A 55 -11.77 2.87 -2.28
C TRP A 55 -11.26 3.81 -3.35
N ILE A 56 -12.11 4.15 -4.32
CA ILE A 56 -11.65 4.98 -5.44
C ILE A 56 -11.38 6.40 -4.96
N ALA A 57 -12.34 6.97 -4.21
CA ALA A 57 -12.17 8.34 -3.73
C ALA A 57 -10.97 8.47 -2.80
N GLN A 58 -10.78 7.51 -1.91
CA GLN A 58 -9.73 7.65 -0.92
C GLN A 58 -8.35 7.46 -1.54
N GLU A 59 -8.25 6.66 -2.62
CA GLU A 59 -6.94 6.39 -3.23
C GLU A 59 -6.60 7.44 -4.29
N LEU A 60 -7.60 8.08 -4.86
CA LEU A 60 -7.37 9.05 -5.92
C LEU A 60 -6.31 10.11 -5.59
N PRO A 61 -6.21 10.65 -4.37
CA PRO A 61 -5.18 11.66 -4.12
C PRO A 61 -3.77 11.16 -4.38
N ALA A 62 -3.51 9.86 -4.24
CA ALA A 62 -2.14 9.39 -4.40
C ALA A 62 -1.64 9.55 -5.84
N PRO A 63 -2.34 9.06 -6.87
CA PRO A 63 -1.84 9.37 -8.24
C PRO A 63 -1.98 10.84 -8.59
N LEU A 64 -3.05 11.49 -8.14
CA LEU A 64 -3.33 12.85 -8.58
C LEU A 64 -2.41 13.88 -7.91
N VAL A 65 -2.38 13.90 -6.58
CA VAL A 65 -1.53 14.87 -5.90
C VAL A 65 -0.05 14.61 -6.22
N PHE A 66 0.34 13.35 -6.39
CA PHE A 66 1.73 13.08 -6.78
C PHE A 66 2.04 13.72 -8.13
N ALA A 67 1.19 13.49 -9.12
CA ALA A 67 1.43 14.06 -10.45
C ALA A 67 1.42 15.58 -10.40
N LEU A 68 0.50 16.16 -9.63
CA LEU A 68 0.42 17.62 -9.51
C LEU A 68 1.72 18.19 -8.96
N VAL A 69 2.21 17.66 -7.83
CA VAL A 69 3.42 18.17 -7.20
C VAL A 69 4.65 17.83 -8.03
N PHE A 70 4.66 16.63 -8.64
CA PHE A 70 5.74 16.25 -9.53
C PHE A 70 5.95 17.32 -10.59
N ALA A 71 4.90 17.61 -11.37
CA ALA A 71 5.00 18.61 -12.42
C ALA A 71 5.35 20.00 -11.89
N ARG A 72 5.05 20.28 -10.62
CA ARG A 72 5.43 21.59 -10.07
C ARG A 72 6.93 21.70 -9.78
N GLY A 73 7.68 20.60 -9.91
CA GLY A 73 9.12 20.64 -9.70
C GLY A 73 9.87 20.95 -10.98
N GLU A 74 11.03 21.59 -10.82
CA GLU A 74 11.83 21.92 -11.99
C GLU A 74 12.27 20.66 -12.73
N HIS A 75 12.56 19.59 -12.00
CA HIS A 75 13.18 18.41 -12.58
C HIS A 75 12.16 17.38 -13.04
N ALA A 76 10.93 17.82 -13.31
CA ALA A 76 9.92 16.95 -13.90
C ALA A 76 10.32 16.44 -15.27
N ASP A 77 11.33 17.04 -15.90
CA ASP A 77 11.76 16.65 -17.24
C ASP A 77 13.00 15.75 -17.25
N ARG A 78 13.42 15.25 -16.09
CA ARG A 78 14.61 14.42 -15.98
C ARG A 78 14.25 12.93 -16.01
N LEU A 79 15.18 12.14 -16.55
CA LEU A 79 14.93 10.72 -16.80
C LEU A 79 14.57 9.95 -15.52
N VAL A 80 15.43 10.00 -14.50
CA VAL A 80 15.16 9.21 -13.28
C VAL A 80 13.88 9.67 -12.59
N PRO A 81 13.64 10.98 -12.37
CA PRO A 81 12.31 11.37 -11.84
C PRO A 81 11.15 10.81 -12.65
N LEU A 82 11.27 10.78 -13.98
CA LEU A 82 10.19 10.30 -14.83
C LEU A 82 10.02 8.79 -14.71
N LEU A 83 11.13 8.06 -14.56
CA LEU A 83 11.00 6.64 -14.26
C LEU A 83 10.32 6.42 -12.90
N LEU A 84 10.66 7.25 -11.91
CA LEU A 84 10.02 7.11 -10.60
C LEU A 84 8.53 7.45 -10.67
N LEU A 85 8.17 8.50 -11.42
CA LEU A 85 6.76 8.78 -11.73
C LEU A 85 6.09 7.58 -12.37
N GLY A 86 6.78 6.92 -13.31
CA GLY A 86 6.21 5.72 -13.92
C GLY A 86 5.90 4.64 -12.92
N LEU A 87 6.84 4.35 -11.99
CA LEU A 87 6.59 3.34 -10.98
C LEU A 87 5.41 3.71 -10.10
N TRP A 88 5.38 4.96 -9.61
CA TRP A 88 4.27 5.42 -8.77
C TRP A 88 2.93 5.23 -9.47
N GLN A 89 2.84 5.68 -10.72
CA GLN A 89 1.55 5.64 -11.40
C GLN A 89 1.17 4.22 -11.79
N LEU A 90 2.16 3.40 -12.14
CA LEU A 90 1.92 1.97 -12.34
C LEU A 90 1.22 1.37 -11.13
N HIS A 91 1.74 1.66 -9.93
CA HIS A 91 1.07 1.21 -8.73
C HIS A 91 -0.32 1.83 -8.60
N TYR A 92 -0.39 3.16 -8.63
CA TYR A 92 -1.60 3.83 -8.14
C TYR A 92 -2.71 3.92 -9.18
N LEU A 93 -2.39 3.84 -10.48
CA LEU A 93 -3.49 3.67 -11.42
C LEU A 93 -4.11 2.29 -11.29
N GLN A 94 -3.30 1.28 -10.97
CA GLN A 94 -3.85 -0.02 -10.64
C GLN A 94 -4.62 0.03 -9.32
N ARG A 95 -4.04 0.64 -8.28
CA ARG A 95 -4.68 0.66 -6.97
C ARG A 95 -5.98 1.44 -6.98
N THR A 96 -6.09 2.47 -7.82
CA THR A 96 -7.23 3.36 -7.82
C THR A 96 -8.31 2.93 -8.81
N PHE A 97 -7.91 2.50 -10.01
CA PHE A 97 -8.84 2.29 -11.13
C PHE A 97 -8.89 0.86 -11.65
N VAL A 98 -8.13 -0.07 -11.06
CA VAL A 98 -8.21 -1.48 -11.44
C VAL A 98 -8.72 -2.28 -10.24
N PHE A 99 -7.92 -2.34 -9.17
CA PHE A 99 -8.31 -3.12 -7.99
C PHE A 99 -9.72 -2.80 -7.48
N PRO A 100 -10.13 -1.54 -7.30
CA PRO A 100 -11.46 -1.30 -6.72
C PRO A 100 -12.59 -1.60 -7.68
N LEU A 101 -12.36 -1.44 -8.99
CA LEU A 101 -13.41 -1.71 -9.95
C LEU A 101 -13.69 -3.20 -10.06
N LEU A 102 -12.68 -4.03 -9.85
CA LEU A 102 -12.86 -5.47 -9.99
C LEU A 102 -13.13 -6.17 -8.66
N MET A 103 -12.96 -5.49 -7.53
CA MET A 103 -13.04 -6.18 -6.25
C MET A 103 -14.45 -6.71 -6.02
N ARG A 104 -14.52 -7.85 -5.33
CA ARG A 104 -15.79 -8.38 -4.84
C ARG A 104 -16.02 -7.79 -3.46
N VAL A 105 -17.02 -6.93 -3.35
CA VAL A 105 -17.05 -5.92 -2.30
C VAL A 105 -17.45 -6.48 -0.95
N GLY A 106 -18.15 -7.62 -0.90
CA GLY A 106 -18.57 -8.15 0.39
C GLY A 106 -19.62 -7.28 1.05
N ALA A 107 -19.29 -6.68 2.19
CA ALA A 107 -20.19 -5.71 2.79
C ALA A 107 -20.28 -4.49 1.87
N LYS A 108 -21.51 -4.03 1.62
CA LYS A 108 -21.71 -2.95 0.65
C LYS A 108 -21.22 -1.61 1.18
N ARG A 109 -21.02 -1.47 2.49
CA ARG A 109 -20.57 -0.22 3.08
C ARG A 109 -19.38 -0.47 3.99
N THR A 110 -18.65 0.61 4.28
CA THR A 110 -17.37 0.58 4.97
C THR A 110 -17.26 1.88 5.77
N PRO A 111 -16.50 1.91 6.87
CA PRO A 111 -16.55 3.09 7.74
C PRO A 111 -15.94 4.31 7.08
N LEU A 112 -16.61 5.44 7.26
CA LEU A 112 -16.11 6.68 6.65
C LEU A 112 -14.81 7.11 7.30
N VAL A 113 -14.66 6.91 8.61
CA VAL A 113 -13.45 7.39 9.29
C VAL A 113 -12.21 6.72 8.71
N THR A 114 -12.29 5.43 8.39
CA THR A 114 -11.14 4.77 7.77
C THR A 114 -10.86 5.36 6.38
N ALA A 115 -11.91 5.62 5.60
CA ALA A 115 -11.69 6.16 4.26
C ALA A 115 -11.16 7.59 4.31
N LEU A 116 -11.57 8.38 5.30
CA LEU A 116 -11.02 9.73 5.46
C LEU A 116 -9.55 9.70 5.81
N LEU A 117 -9.16 8.80 6.73
CA LEU A 117 -7.74 8.62 7.06
C LEU A 117 -6.92 8.29 5.82
N ALA A 118 -7.38 7.34 5.01
CA ALA A 118 -6.66 6.99 3.79
C ALA A 118 -6.58 8.16 2.82
N PHE A 119 -7.69 8.89 2.67
CA PHE A 119 -7.71 10.05 1.77
C PHE A 119 -6.66 11.07 2.17
N VAL A 120 -6.61 11.39 3.47
CA VAL A 120 -5.67 12.39 3.97
C VAL A 120 -4.25 11.87 3.87
N PHE A 121 -4.03 10.62 4.32
CA PHE A 121 -2.71 10.02 4.19
C PHE A 121 -2.21 10.13 2.75
N ASN A 122 -3.06 9.76 1.79
CA ASN A 122 -2.62 9.76 0.39
C ASN A 122 -2.32 11.17 -0.09
N CYS A 123 -3.06 12.18 0.41
CA CYS A 123 -2.75 13.56 0.06
C CYS A 123 -1.35 13.93 0.51
N VAL A 124 -1.06 13.68 1.79
CA VAL A 124 0.23 14.07 2.36
C VAL A 124 1.36 13.23 1.76
N ASN A 125 1.14 11.90 1.70
CA ASN A 125 2.20 11.00 1.22
C ASN A 125 2.48 11.22 -0.26
N GLY A 126 1.43 11.45 -1.05
CA GLY A 126 1.64 11.69 -2.47
C GLY A 126 2.42 12.96 -2.72
N ALA A 127 2.08 14.03 -2.01
CA ALA A 127 2.76 15.31 -2.20
C ALA A 127 4.21 15.21 -1.74
N ALA A 128 4.44 14.64 -0.55
CA ALA A 128 5.78 14.53 -0.02
C ALA A 128 6.69 13.74 -0.96
N ASN A 129 6.20 12.60 -1.44
CA ASN A 129 7.06 11.76 -2.27
C ASN A 129 7.40 12.44 -3.60
N ALA A 130 6.45 13.15 -4.21
CA ALA A 130 6.77 13.86 -5.44
C ALA A 130 7.67 15.06 -5.16
N TYR A 131 7.44 15.75 -4.04
CA TYR A 131 8.24 16.93 -3.72
C TYR A 131 9.72 16.58 -3.60
N ALA A 132 10.03 15.44 -2.96
CA ALA A 132 11.41 15.02 -2.78
C ALA A 132 12.09 14.61 -4.07
N ILE A 133 11.36 14.48 -5.17
CA ILE A 133 11.93 14.00 -6.42
C ILE A 133 12.22 15.15 -7.40
N THR A 134 11.23 16.00 -7.69
CA THR A 134 11.44 16.99 -8.75
C THR A 134 11.74 18.41 -8.27
N HIS A 135 11.71 18.67 -6.95
CA HIS A 135 11.92 20.01 -6.43
C HIS A 135 13.33 20.17 -5.87
N GLY A 136 13.74 21.43 -5.74
CA GLY A 136 15.05 21.75 -5.20
C GLY A 136 16.16 21.37 -6.17
N ALA A 137 17.29 20.93 -5.61
CA ALA A 137 18.41 20.48 -6.41
C ALA A 137 18.12 19.09 -6.99
N LEU A 138 18.67 18.84 -8.18
CA LEU A 138 18.53 17.53 -8.80
C LEU A 138 19.46 16.56 -8.11
N ARG A 139 18.90 15.63 -7.34
CA ARG A 139 19.69 14.55 -6.77
C ARG A 139 19.54 13.26 -7.55
N HIS A 140 18.43 13.09 -8.28
CA HIS A 140 18.22 11.90 -9.09
C HIS A 140 18.80 12.15 -10.48
N THR A 141 20.11 12.28 -10.52
CA THR A 141 20.77 12.53 -11.79
C THR A 141 20.86 11.25 -12.60
N GLU A 142 21.39 11.38 -13.80
CA GLU A 142 21.62 10.21 -14.62
C GLU A 142 22.69 9.30 -14.00
N ALA A 143 23.57 9.85 -13.14
CA ALA A 143 24.49 9.01 -12.37
C ALA A 143 23.75 8.05 -11.43
N TRP A 144 22.63 8.49 -10.86
CA TRP A 144 21.84 7.61 -9.98
C TRP A 144 21.29 6.44 -10.77
N LEU A 145 20.94 6.68 -12.05
CA LEU A 145 20.47 5.60 -12.91
C LEU A 145 21.51 4.49 -13.01
N ALA A 146 22.78 4.82 -12.88
CA ALA A 146 23.86 3.85 -12.95
C ALA A 146 24.31 3.37 -11.58
N ASP A 147 23.54 3.73 -10.52
CA ASP A 147 23.79 3.27 -9.16
C ASP A 147 23.00 1.98 -8.91
N PRO A 148 23.66 0.94 -8.39
CA PRO A 148 22.93 -0.32 -8.14
C PRO A 148 21.73 -0.15 -7.24
N ARG A 149 21.70 0.85 -6.37
CA ARG A 149 20.55 1.01 -5.47
C ARG A 149 19.28 1.32 -6.26
N PHE A 150 19.41 2.10 -7.34
CA PHE A 150 18.24 2.38 -8.16
C PHE A 150 17.79 1.13 -8.88
N ALA A 151 18.73 0.42 -9.52
CA ALA A 151 18.40 -0.79 -10.25
C ALA A 151 17.74 -1.82 -9.35
N ILE A 152 18.37 -2.15 -8.23
CA ILE A 152 17.81 -3.13 -7.32
C ILE A 152 16.48 -2.63 -6.74
N GLY A 153 16.42 -1.35 -6.39
CA GLY A 153 15.18 -0.82 -5.83
C GLY A 153 14.03 -0.92 -6.82
N ALA A 154 14.29 -0.57 -8.08
CA ALA A 154 13.25 -0.65 -9.09
C ALA A 154 12.81 -2.10 -9.32
N LEU A 155 13.75 -3.04 -9.23
CA LEU A 155 13.37 -4.43 -9.47
C LEU A 155 12.58 -4.99 -8.29
N LEU A 156 12.95 -4.62 -7.07
CA LEU A 156 12.13 -5.00 -5.92
C LEU A 156 10.75 -4.35 -6.01
N PHE A 157 10.69 -3.09 -6.47
CA PHE A 157 9.40 -2.45 -6.65
C PHE A 157 8.53 -3.29 -7.59
N LEU A 158 9.06 -3.62 -8.77
CA LEU A 158 8.28 -4.34 -9.76
C LEU A 158 7.98 -5.77 -9.30
N GLY A 159 8.92 -6.41 -8.61
CA GLY A 159 8.65 -7.75 -8.11
C GLY A 159 7.54 -7.75 -7.06
N GLY A 160 7.64 -6.84 -6.09
CA GLY A 160 6.59 -6.76 -5.07
C GLY A 160 5.25 -6.36 -5.66
N TRP A 161 5.26 -5.40 -6.58
CA TRP A 161 4.04 -5.01 -7.29
C TRP A 161 3.41 -6.23 -7.97
N ALA A 162 4.22 -6.99 -8.70
CA ALA A 162 3.70 -8.14 -9.43
C ALA A 162 3.09 -9.16 -8.48
N LEU A 163 3.78 -9.44 -7.38
CA LEU A 163 3.24 -10.38 -6.40
C LEU A 163 1.95 -9.85 -5.78
N ASN A 164 1.89 -8.55 -5.51
CA ASN A 164 0.68 -7.97 -4.94
C ASN A 164 -0.49 -8.12 -5.92
N LEU A 165 -0.28 -7.78 -7.19
CA LEU A 165 -1.33 -7.91 -8.20
C LEU A 165 -1.78 -9.35 -8.35
N HIS A 166 -0.81 -10.28 -8.44
CA HIS A 166 -1.17 -11.69 -8.59
C HIS A 166 -1.96 -12.19 -7.40
N SER A 167 -1.61 -11.71 -6.20
CA SER A 167 -2.27 -12.15 -4.99
C SER A 167 -3.70 -11.62 -4.91
N ASP A 168 -3.92 -10.34 -5.21
CA ASP A 168 -5.28 -9.79 -5.19
C ASP A 168 -6.15 -10.43 -6.28
N ALA A 169 -5.55 -10.84 -7.41
CA ALA A 169 -6.35 -11.46 -8.47
C ALA A 169 -6.91 -12.80 -8.00
N ILE A 170 -6.08 -13.61 -7.33
CA ILE A 170 -6.53 -14.89 -6.81
C ILE A 170 -7.70 -14.70 -5.84
N LEU A 171 -7.63 -13.68 -4.98
CA LEU A 171 -8.72 -13.43 -4.05
C LEU A 171 -10.02 -13.12 -4.78
N ARG A 172 -9.93 -12.38 -5.89
CA ARG A 172 -11.13 -11.94 -6.60
C ARG A 172 -11.97 -13.11 -7.06
N ARG A 173 -11.35 -14.23 -7.33
CA ARG A 173 -12.12 -15.31 -7.89
C ARG A 173 -12.70 -16.21 -6.80
N LEU A 174 -12.29 -16.02 -5.54
CA LEU A 174 -12.89 -16.71 -4.41
C LEU A 174 -14.32 -16.27 -4.14
N ARG A 175 -14.74 -15.17 -4.76
CA ARG A 175 -16.11 -14.71 -4.72
C ARG A 175 -16.60 -14.51 -6.14
N ALA A 176 -17.75 -15.09 -6.48
CA ALA A 176 -18.46 -14.58 -7.62
C ALA A 176 -19.02 -13.20 -7.26
N PRO A 177 -19.24 -12.33 -8.24
CA PRO A 177 -19.85 -11.03 -7.94
C PRO A 177 -21.14 -11.18 -7.15
N GLY A 178 -21.30 -10.34 -6.14
CA GLY A 178 -22.48 -10.39 -5.29
C GLY A 178 -22.36 -11.28 -4.06
N GLU A 179 -21.33 -12.12 -3.98
CA GLU A 179 -21.13 -13.00 -2.85
C GLU A 179 -20.36 -12.30 -1.72
N THR A 180 -20.53 -12.81 -0.50
CA THR A 180 -19.82 -12.31 0.67
C THR A 180 -18.94 -13.34 1.34
N ARG A 181 -18.82 -14.54 0.78
CA ARG A 181 -18.17 -15.65 1.47
C ARG A 181 -16.66 -15.44 1.55
N TYR A 182 -16.05 -16.11 2.51
CA TYR A 182 -14.60 -16.24 2.58
C TYR A 182 -14.20 -17.69 2.33
N GLU A 183 -13.20 -17.88 1.48
CA GLU A 183 -12.67 -19.20 1.18
C GLU A 183 -11.17 -19.22 1.50
N ILE A 184 -10.64 -20.42 1.68
CA ILE A 184 -9.21 -20.57 1.92
C ILE A 184 -8.52 -20.25 0.59
N PRO A 185 -7.70 -19.22 0.51
CA PRO A 185 -7.00 -18.97 -0.76
C PRO A 185 -5.93 -20.02 -1.00
N ARG A 186 -5.77 -20.42 -2.25
CA ARG A 186 -4.81 -21.46 -2.59
C ARG A 186 -4.10 -21.13 -3.91
N GLY A 187 -2.90 -21.67 -4.06
CA GLY A 187 -2.06 -21.42 -5.21
C GLY A 187 -1.15 -20.21 -5.02
N GLY A 188 -0.34 -19.94 -6.04
CA GLY A 188 0.52 -18.78 -6.00
C GLY A 188 1.39 -18.78 -4.76
N ALA A 189 1.49 -17.62 -4.11
CA ALA A 189 2.23 -17.54 -2.86
C ALA A 189 1.38 -17.87 -1.63
N TYR A 190 0.07 -18.04 -1.79
CA TYR A 190 -0.75 -18.52 -0.68
C TYR A 190 -0.31 -19.89 -0.25
N ARG A 191 0.33 -20.62 -1.15
CA ARG A 191 0.99 -21.86 -0.79
C ARG A 191 1.88 -21.66 0.43
N LEU A 192 2.42 -20.44 0.63
CA LEU A 192 3.36 -20.13 1.72
C LEU A 192 2.85 -19.16 2.78
N VAL A 193 2.12 -18.11 2.42
CA VAL A 193 1.67 -17.14 3.42
C VAL A 193 0.21 -16.81 3.20
N SER A 194 -0.45 -16.42 4.30
CA SER A 194 -1.85 -16.02 4.27
C SER A 194 -2.08 -14.74 3.48
N CYS A 195 -1.16 -13.77 3.58
CA CYS A 195 -1.34 -12.46 2.96
C CYS A 195 -0.16 -12.13 2.03
N PRO A 196 -0.03 -12.85 0.92
CA PRO A 196 0.99 -12.49 -0.06
C PRO A 196 0.72 -11.15 -0.74
N ASN A 197 -0.52 -10.66 -0.75
CA ASN A 197 -0.72 -9.31 -1.28
C ASN A 197 -0.01 -8.29 -0.38
N TYR A 198 -0.11 -8.46 0.93
CA TYR A 198 0.56 -7.55 1.86
C TYR A 198 2.07 -7.70 1.77
N LEU A 199 2.55 -8.95 1.66
CA LEU A 199 3.98 -9.20 1.46
C LEU A 199 4.48 -8.47 0.23
N GLY A 200 3.77 -8.62 -0.89
CA GLY A 200 4.19 -7.93 -2.12
C GLY A 200 4.27 -6.43 -1.95
N GLU A 201 3.23 -5.84 -1.33
CA GLU A 201 3.21 -4.39 -1.21
C GLU A 201 4.29 -3.89 -0.24
N ILE A 202 4.58 -4.65 0.81
CA ILE A 202 5.65 -4.25 1.73
C ILE A 202 6.98 -4.23 0.99
N VAL A 203 7.29 -5.30 0.27
CA VAL A 203 8.52 -5.36 -0.53
C VAL A 203 8.53 -4.26 -1.58
N GLU A 204 7.37 -4.00 -2.18
CA GLU A 204 7.25 -2.99 -3.22
C GLU A 204 7.73 -1.63 -2.71
N TRP A 205 7.19 -1.17 -1.58
CA TRP A 205 7.57 0.16 -1.10
C TRP A 205 8.96 0.17 -0.45
N CYS A 206 9.48 -0.99 -0.01
CA CYS A 206 10.90 -1.05 0.31
C CYS A 206 11.73 -0.80 -0.94
N GLY A 207 11.30 -1.35 -2.08
CA GLY A 207 12.00 -1.08 -3.32
C GLY A 207 11.89 0.39 -3.71
N TRP A 208 10.71 0.98 -3.49
CA TRP A 208 10.54 2.42 -3.70
C TRP A 208 11.54 3.20 -2.85
N ALA A 209 11.67 2.84 -1.57
CA ALA A 209 12.58 3.57 -0.68
C ALA A 209 14.02 3.49 -1.17
N LEU A 210 14.42 2.31 -1.66
CA LEU A 210 15.77 2.15 -2.18
C LEU A 210 15.98 3.00 -3.43
N ALA A 211 15.04 2.92 -4.38
CA ALA A 211 15.21 3.62 -5.66
C ALA A 211 15.16 5.13 -5.50
N THR A 212 14.32 5.64 -4.58
CA THR A 212 14.24 7.09 -4.39
C THR A 212 15.35 7.59 -3.48
N TRP A 213 15.71 6.81 -2.47
CA TRP A 213 16.68 7.22 -1.45
C TRP A 213 16.26 8.55 -0.82
N THR A 214 14.95 8.74 -0.65
CA THR A 214 14.45 9.94 0.00
C THR A 214 13.82 9.62 1.35
N TYR A 215 13.81 10.62 2.23
CA TYR A 215 13.12 10.44 3.51
C TYR A 215 11.65 10.13 3.29
N ALA A 216 11.04 10.73 2.26
CA ALA A 216 9.63 10.47 1.99
C ALA A 216 9.41 9.03 1.54
N GLY A 217 10.29 8.48 0.70
CA GLY A 217 10.15 7.09 0.32
C GLY A 217 10.38 6.15 1.49
N ALA A 218 11.40 6.45 2.31
CA ALA A 218 11.69 5.65 3.49
C ALA A 218 10.52 5.66 4.47
N VAL A 219 9.94 6.83 4.73
CA VAL A 219 8.81 6.90 5.67
C VAL A 219 7.63 6.09 5.14
N PHE A 220 7.42 6.08 3.82
CA PHE A 220 6.29 5.34 3.26
C PHE A 220 6.53 3.83 3.32
N ALA A 221 7.77 3.38 3.08
CA ALA A 221 8.07 1.97 3.29
C ALA A 221 7.86 1.59 4.75
N PHE A 222 8.31 2.44 5.67
CA PHE A 222 8.06 2.16 7.08
C PHE A 222 6.58 2.14 7.38
N PHE A 223 5.82 3.10 6.83
CA PHE A 223 4.41 3.16 7.17
C PHE A 223 3.65 1.96 6.62
N THR A 224 3.97 1.53 5.40
CA THR A 224 3.32 0.36 4.83
C THR A 224 3.56 -0.88 5.68
N PHE A 225 4.80 -1.08 6.11
CA PHE A 225 5.08 -2.18 7.02
C PHE A 225 4.31 -2.00 8.32
N ALA A 226 4.34 -0.81 8.89
CA ALA A 226 3.68 -0.52 10.18
C ALA A 226 2.21 -0.91 10.13
N ASN A 227 1.62 -0.76 8.97
CA ASN A 227 0.17 -0.97 8.78
C ASN A 227 -0.16 -2.42 8.34
N LEU A 228 0.54 -2.93 7.36
CA LEU A 228 0.22 -4.25 6.78
C LEU A 228 0.78 -5.40 7.60
N PHE A 229 1.88 -5.21 8.28
CA PHE A 229 2.41 -6.33 9.04
C PHE A 229 1.44 -6.75 10.14
N PRO A 230 0.94 -5.85 10.99
CA PRO A 230 -0.10 -6.27 11.95
C PRO A 230 -1.40 -6.69 11.29
N ARG A 231 -1.74 -6.12 10.14
CA ARG A 231 -2.97 -6.57 9.50
C ARG A 231 -2.82 -8.02 9.03
N ALA A 232 -1.67 -8.37 8.46
CA ALA A 232 -1.46 -9.75 8.05
C ALA A 232 -1.56 -10.70 9.24
N LEU A 233 -1.04 -10.30 10.41
CA LEU A 233 -1.17 -11.17 11.58
C LEU A 233 -2.64 -11.31 11.98
N ALA A 234 -3.42 -10.25 11.85
CA ALA A 234 -4.83 -10.34 12.20
C ALA A 234 -5.60 -11.20 11.21
N HIS A 235 -5.29 -11.05 9.91
CA HIS A 235 -5.89 -11.92 8.90
C HIS A 235 -5.54 -13.37 9.17
N HIS A 236 -4.27 -13.63 9.49
CA HIS A 236 -3.81 -14.99 9.77
C HIS A 236 -4.54 -15.59 10.96
N ARG A 237 -4.62 -14.83 12.05
CA ARG A 237 -5.39 -15.29 13.22
C ARG A 237 -6.84 -15.54 12.85
N TRP A 238 -7.43 -14.62 12.07
CA TRP A 238 -8.82 -14.77 11.62
C TRP A 238 -9.00 -16.08 10.84
N TYR A 239 -8.10 -16.35 9.88
CA TYR A 239 -8.19 -17.58 9.08
C TYR A 239 -8.15 -18.82 9.97
N ARG A 240 -7.23 -18.83 10.94
CA ARG A 240 -7.05 -20.03 11.75
C ARG A 240 -8.22 -20.28 12.70
N GLU A 241 -9.06 -19.29 12.94
CA GLU A 241 -10.25 -19.50 13.76
C GLU A 241 -11.52 -19.65 12.93
N ARG A 242 -11.55 -19.12 11.71
CA ARG A 242 -12.69 -19.33 10.85
C ARG A 242 -12.66 -20.71 10.19
N PHE A 243 -11.47 -21.26 9.93
CA PHE A 243 -11.31 -22.53 9.23
C PHE A 243 -10.57 -23.54 10.10
N PRO A 244 -11.23 -24.57 10.63
CA PRO A 244 -10.47 -25.67 11.24
C PRO A 244 -9.61 -26.33 10.21
N ASP A 245 -10.00 -26.11 8.96
CA ASP A 245 -9.45 -26.52 7.69
C ASP A 245 -8.09 -25.89 7.35
N TYR A 246 -7.71 -24.80 7.99
CA TYR A 246 -6.69 -23.89 7.43
C TYR A 246 -5.28 -24.45 7.59
N PRO A 247 -4.45 -24.47 6.53
CA PRO A 247 -3.13 -25.13 6.62
C PRO A 247 -2.29 -24.59 7.76
N ARG A 248 -1.84 -25.49 8.65
CA ARG A 248 -1.08 -25.07 9.81
C ARG A 248 0.32 -24.59 9.48
N GLU A 249 0.84 -24.98 8.30
CA GLU A 249 2.21 -24.64 7.94
C GLU A 249 2.33 -23.20 7.47
N ARG A 250 1.24 -22.61 6.98
CA ARG A 250 1.28 -21.25 6.45
C ARG A 250 1.72 -20.26 7.51
N LYS A 251 2.53 -19.28 7.09
CA LYS A 251 2.84 -18.15 7.94
C LYS A 251 1.92 -16.99 7.59
N ALA A 252 2.02 -15.92 8.37
CA ALA A 252 1.15 -14.77 8.11
C ALA A 252 1.61 -13.96 6.91
N VAL A 253 2.90 -13.59 6.88
CA VAL A 253 3.40 -12.62 5.88
C VAL A 253 4.76 -13.00 5.31
N ILE A 254 5.68 -13.41 6.19
CA ILE A 254 7.05 -13.73 5.80
C ILE A 254 7.15 -15.24 5.62
N PRO A 255 7.42 -15.74 4.42
CA PRO A 255 7.49 -17.18 4.20
C PRO A 255 8.41 -17.84 5.21
N PHE A 256 7.90 -18.90 5.84
CA PHE A 256 8.65 -19.75 6.78
C PHE A 256 9.06 -19.03 8.06
N VAL A 257 8.61 -17.80 8.27
CA VAL A 257 9.03 -17.07 9.47
C VAL A 257 7.83 -16.70 10.36
N VAL A 258 7.19 -15.57 10.10
CA VAL A 258 5.98 -15.20 10.86
C VAL A 258 4.77 -15.25 9.93
#